data_6IZN
#
_entry.id   6IZN
#
_cell.length_a   38.994
_cell.length_b   54.353
_cell.length_c   66.594
_cell.angle_alpha   90.00
_cell.angle_beta   92.60
_cell.angle_gamma   90.00
#
_symmetry.space_group_name_H-M   'P 1 21 1'
#
loop_
_entity.id
_entity.type
_entity.pdbx_description
1 polymer 'Peroxisome proliferator-activated receptor gamma'
2 polymer 'Peptide from Peroxisome proliferator-activated receptor gamma coactivator 1-alpha'
3 non-polymer '3-[[6-(2,6-dimethylpyridin-3-yl)oxy-7-fluoranyl-1-methyl-benzimidazol-2-yl]methoxy]benzoic acid'
4 water water
#
loop_
_entity_poly.entity_id
_entity_poly.type
_entity_poly.pdbx_seq_one_letter_code
_entity_poly.pdbx_strand_id
1 'polypeptide(L)'
;MRGSHHHHHHGPESADLRALAKHLYDSYIKSFPLTKAKARAILTGKTTDKSPFVIYDMNSLMMGEDKIKFKHITPLQEQS
KEVAIRIFQGCQFRSVEAVQEITEYAKSIPGFVNLDLNDQVTLLKYGVHEIIYTMLASLMNKDGVLISEGQGFMTREFLK
SLRKPFGDFMEPKFEFAVKFNALELDDSDLAIFIAVIILSGDRPGLLNVKPIEDIQDNLLQALELQLKLNHPESSQLFAK
LLQKMTDLRQIVTEHVQLLQVIKKTETDMSLHPLLQEIYKDLY
;
A
2 'polypeptide(L)' QEAEEPSLLKKLLLAPANT C
#
loop_
_chem_comp.id
_chem_comp.type
_chem_comp.name
_chem_comp.formula
B1O non-polymer '3-[[6-(2,6-dimethylpyridin-3-yl)oxy-7-fluoranyl-1-methyl-benzimidazol-2-yl]methoxy]benzoic acid' 'C23 H20 F N3 O4'
#
# COMPACT_ATOMS: atom_id res chain seq x y z
N GLU A 13 -23.78 -17.22 -6.48
CA GLU A 13 -23.82 -18.03 -5.23
C GLU A 13 -22.98 -17.40 -4.14
N SER A 14 -23.49 -17.45 -2.91
CA SER A 14 -22.70 -17.04 -1.75
C SER A 14 -21.48 -17.93 -1.59
N ALA A 15 -21.63 -19.22 -1.88
CA ALA A 15 -20.51 -20.14 -1.77
C ALA A 15 -19.39 -19.70 -2.71
N ASP A 16 -19.75 -19.32 -3.92
CA ASP A 16 -18.77 -18.86 -4.89
C ASP A 16 -18.10 -17.57 -4.43
N LEU A 17 -18.84 -16.73 -3.71
CA LEU A 17 -18.25 -15.50 -3.18
C LEU A 17 -17.26 -15.79 -2.07
N ARG A 18 -17.50 -16.86 -1.30
CA ARG A 18 -16.55 -17.25 -0.26
C ARG A 18 -15.30 -17.84 -0.91
N ALA A 19 -15.50 -18.58 -2.00
CA ALA A 19 -14.36 -19.20 -2.68
C ALA A 19 -13.49 -18.10 -3.30
N LEU A 20 -14.14 -17.07 -3.82
CA LEU A 20 -13.43 -15.91 -4.36
C LEU A 20 -12.66 -15.21 -3.24
N ALA A 21 -13.32 -14.99 -2.12
CA ALA A 21 -12.68 -14.39 -0.95
C ALA A 21 -11.43 -15.16 -0.57
N LYS A 22 -11.53 -16.49 -0.57
CA LYS A 22 -10.41 -17.34 -0.18
C LYS A 22 -9.30 -17.29 -1.23
N HIS A 23 -9.68 -17.28 -2.50
CA HIS A 23 -8.70 -17.19 -3.58
C HIS A 23 -7.88 -15.91 -3.48
N LEU A 24 -8.57 -14.80 -3.24
CA LEU A 24 -7.89 -13.53 -3.09
C LEU A 24 -6.95 -13.52 -1.89
N TYR A 25 -7.40 -14.06 -0.76
CA TYR A 25 -6.55 -14.14 0.41
C TYR A 25 -5.30 -14.98 0.13
N ASP A 26 -5.50 -16.15 -0.46
CA ASP A 26 -4.35 -16.99 -0.76
C ASP A 26 -3.35 -16.27 -1.68
N SER A 27 -3.87 -15.61 -2.72
CA SER A 27 -3.03 -14.82 -3.63
C SER A 27 -2.33 -13.69 -2.90
N TYR A 28 -3.07 -13.04 -2.00
CA TYR A 28 -2.55 -11.94 -1.19
C TYR A 28 -1.35 -12.42 -0.36
N ILE A 29 -1.50 -13.57 0.31
CA ILE A 29 -0.41 -14.14 1.08
C ILE A 29 0.81 -14.44 0.21
N LYS A 30 0.56 -14.91 -1.03
CA LYS A 30 1.62 -15.21 -1.97
C LYS A 30 2.37 -13.95 -2.41
N SER A 31 1.63 -12.87 -2.61
CA SER A 31 2.13 -11.68 -3.28
C SER A 31 2.85 -10.72 -2.35
N PHE A 32 2.45 -10.70 -1.09
CA PHE A 32 2.95 -9.71 -0.15
C PHE A 32 3.72 -10.37 0.99
N PRO A 33 5.03 -10.10 1.08
CA PRO A 33 5.89 -10.82 2.04
C PRO A 33 5.51 -10.64 3.51
N LEU A 34 5.17 -9.42 3.90
CA LEU A 34 4.77 -9.16 5.28
C LEU A 34 3.28 -8.80 5.37
N THR A 35 2.52 -9.69 6.01
CA THR A 35 1.08 -9.55 6.18
C THR A 35 0.76 -8.77 7.46
N LYS A 36 -0.48 -8.33 7.59
CA LYS A 36 -0.88 -7.64 8.80
C LYS A 36 -0.77 -8.56 10.00
N ALA A 37 -1.14 -9.83 9.82
CA ALA A 37 -1.11 -10.78 10.92
C ALA A 37 0.27 -10.83 11.55
N LYS A 38 1.29 -11.00 10.72
CA LYS A 38 2.67 -11.09 11.17
C LYS A 38 3.14 -9.72 11.68
N ALA A 39 2.70 -8.67 11.01
CA ALA A 39 3.11 -7.31 11.39
C ALA A 39 2.61 -6.98 12.78
N ARG A 40 1.37 -7.36 13.08
CA ARG A 40 0.79 -7.09 14.39
C ARG A 40 1.49 -7.91 15.47
N ALA A 41 1.85 -9.15 15.13
CA ALA A 41 2.57 -10.01 16.07
C ALA A 41 3.90 -9.37 16.42
N ILE A 42 4.62 -8.90 15.40
CA ILE A 42 5.89 -8.21 15.61
C ILE A 42 5.69 -6.97 16.48
N LEU A 43 4.74 -6.12 16.08
CA LEU A 43 4.47 -4.87 16.78
C LEU A 43 4.08 -5.06 18.24
N THR A 44 3.38 -6.14 18.53
CA THR A 44 2.92 -6.40 19.89
C THR A 44 3.95 -7.20 20.69
N GLY A 45 4.79 -7.96 20.00
CA GLY A 45 5.83 -8.71 20.69
C GLY A 45 5.42 -10.13 21.03
N LYS A 46 4.94 -10.86 20.02
CA LYS A 46 4.48 -12.23 20.22
C LYS A 46 5.35 -13.22 19.45
N THR A 47 5.96 -12.75 18.37
CA THR A 47 6.71 -13.61 17.47
C THR A 47 7.99 -14.11 18.13
N THR A 48 8.45 -15.28 17.75
CA THR A 48 9.70 -15.84 18.24
C THR A 48 10.88 -15.17 17.54
N ASP A 49 10.58 -14.46 16.45
CA ASP A 49 11.61 -13.81 15.65
C ASP A 49 12.31 -12.70 16.43
N LYS A 50 13.52 -12.33 15.98
CA LYS A 50 14.30 -11.31 16.64
C LYS A 50 13.66 -9.93 16.49
N SER A 51 13.79 -9.11 17.52
CA SER A 51 13.14 -7.81 17.54
C SER A 51 13.66 -6.91 16.43
N PRO A 52 12.76 -6.11 15.84
CA PRO A 52 13.15 -5.08 14.88
C PRO A 52 14.15 -4.11 15.52
N PHE A 53 15.08 -3.61 14.74
CA PHE A 53 16.00 -2.58 15.22
C PHE A 53 15.28 -1.24 15.22
N VAL A 54 15.30 -0.57 16.36
CA VAL A 54 14.52 0.66 16.53
C VAL A 54 15.32 1.89 16.11
N ILE A 55 14.79 2.64 15.16
CA ILE A 55 15.39 3.90 14.73
C ILE A 55 14.57 5.08 15.27
N TYR A 56 15.11 5.75 16.27
CA TYR A 56 14.38 6.81 16.97
C TYR A 56 15.09 8.17 16.86
N ASP A 57 16.31 8.16 16.37
CA ASP A 57 17.05 9.40 16.12
C ASP A 57 18.17 9.21 15.11
N MET A 58 18.89 10.28 14.80
CA MET A 58 19.97 10.24 13.83
C MET A 58 21.03 9.19 14.14
N ASN A 59 21.42 9.09 15.41
CA ASN A 59 22.47 8.16 15.80
C ASN A 59 22.06 6.70 15.57
N SER A 60 20.80 6.38 15.87
CA SER A 60 20.33 5.00 15.69
C SER A 60 20.05 4.71 14.23
N LEU A 61 19.82 5.77 13.45
CA LEU A 61 19.67 5.61 12.00
C LEU A 61 21.01 5.17 11.42
N MET A 62 22.09 5.74 11.93
CA MET A 62 23.43 5.39 11.48
C MET A 62 23.76 3.95 11.86
N MET A 63 23.47 3.58 13.11
CA MET A 63 23.74 2.24 13.59
C MET A 63 22.92 1.23 12.79
N GLY A 64 21.71 1.62 12.40
CA GLY A 64 20.86 0.73 11.65
C GLY A 64 21.40 0.40 10.26
N GLU A 65 22.31 1.25 9.78
CA GLU A 65 22.89 1.07 8.45
C GLU A 65 23.49 -0.33 8.27
N ASP A 66 24.05 -0.88 9.35
CA ASP A 66 24.66 -2.21 9.31
C ASP A 66 23.62 -3.31 9.48
N LYS A 67 22.70 -3.11 10.41
CA LYS A 67 21.81 -4.17 10.85
C LYS A 67 20.74 -4.49 9.81
N ILE A 68 20.11 -3.46 9.27
CA ILE A 68 18.98 -3.65 8.37
C ILE A 68 19.42 -3.96 6.94
N LYS A 69 18.88 -5.04 6.39
CA LYS A 69 19.19 -5.44 5.02
C LYS A 69 18.11 -4.92 4.07
N PHE A 70 18.53 -4.39 2.94
CA PHE A 70 17.59 -4.03 1.88
C PHE A 70 17.78 -4.96 0.69
N LYS A 71 16.68 -5.32 0.03
CA LYS A 71 16.74 -6.23 -1.10
C LYS A 71 17.54 -5.62 -2.25
N HIS A 72 17.39 -4.31 -2.46
CA HIS A 72 18.11 -3.62 -3.53
C HIS A 72 19.52 -3.26 -3.09
N ILE A 73 20.46 -3.41 -4.02
CA ILE A 73 21.87 -3.17 -3.75
C ILE A 73 22.29 -1.76 -4.16
N THR A 74 22.97 -1.05 -3.27
CA THR A 74 23.35 0.34 -3.53
C THR A 74 24.80 0.64 -3.17
N PRO A 75 25.75 0.09 -3.93
CA PRO A 75 27.18 0.32 -3.69
C PRO A 75 27.55 1.79 -3.81
N GLU A 82 22.03 13.99 2.46
CA GLU A 82 21.69 14.16 3.87
C GLU A 82 20.64 13.16 4.31
N VAL A 83 20.44 13.05 5.62
CA VAL A 83 19.55 12.05 6.19
C VAL A 83 18.12 12.15 5.67
N ALA A 84 17.57 13.36 5.65
CA ALA A 84 16.21 13.56 5.20
C ALA A 84 16.02 13.00 3.78
N ILE A 85 17.04 13.20 2.94
CA ILE A 85 16.99 12.72 1.57
C ILE A 85 17.05 11.21 1.50
N ARG A 86 17.95 10.62 2.29
CA ARG A 86 18.14 9.18 2.27
C ARG A 86 16.86 8.46 2.70
N ILE A 87 16.21 8.99 3.72
CA ILE A 87 14.95 8.43 4.20
C ILE A 87 13.90 8.49 3.08
N PHE A 88 13.83 9.61 2.39
CA PHE A 88 12.87 9.79 1.32
C PHE A 88 13.15 8.81 0.18
N GLN A 89 14.43 8.65 -0.16
CA GLN A 89 14.82 7.71 -1.21
C GLN A 89 14.52 6.28 -0.79
N GLY A 90 14.64 6.02 0.51
CA GLY A 90 14.32 4.69 1.02
C GLY A 90 12.86 4.38 0.84
N CYS A 91 11.99 5.34 1.14
CA CYS A 91 10.56 5.20 0.91
C CYS A 91 10.28 4.97 -0.56
N GLN A 92 11.01 5.70 -1.42
CA GLN A 92 10.91 5.54 -2.86
C GLN A 92 11.11 4.10 -3.28
N PHE A 93 12.23 3.52 -2.85
CA PHE A 93 12.59 2.16 -3.25
C PHE A 93 11.63 1.13 -2.69
N ARG A 94 11.15 1.35 -1.46
CA ARG A 94 10.14 0.47 -0.90
C ARG A 94 8.88 0.54 -1.76
N SER A 95 8.56 1.74 -2.23
CA SER A 95 7.37 1.91 -3.06
C SER A 95 7.55 1.19 -4.39
N VAL A 96 8.76 1.22 -4.94
CA VAL A 96 9.05 0.48 -6.16
C VAL A 96 8.82 -1.01 -5.95
N GLU A 97 9.27 -1.56 -4.82
CA GLU A 97 9.05 -2.97 -4.54
C GLU A 97 7.56 -3.23 -4.42
N ALA A 98 6.87 -2.33 -3.74
CA ALA A 98 5.44 -2.50 -3.48
C ALA A 98 4.64 -2.48 -4.77
N VAL A 99 5.01 -1.60 -5.71
CA VAL A 99 4.31 -1.57 -6.99
C VAL A 99 4.40 -2.94 -7.67
N GLN A 100 5.57 -3.57 -7.57
CA GLN A 100 5.74 -4.86 -8.22
C GLN A 100 4.94 -5.97 -7.52
N GLU A 101 4.87 -5.91 -6.20
CA GLU A 101 4.07 -6.88 -5.44
C GLU A 101 2.60 -6.72 -5.76
N ILE A 102 2.17 -5.46 -5.83
CA ILE A 102 0.76 -5.16 -6.08
C ILE A 102 0.39 -5.55 -7.51
N THR A 103 1.30 -5.37 -8.44
CA THR A 103 1.04 -5.79 -9.82
C THR A 103 0.82 -7.31 -9.85
N GLU A 104 1.66 -8.05 -9.15
CA GLU A 104 1.51 -9.49 -9.10
C GLU A 104 0.13 -9.86 -8.54
N TYR A 105 -0.29 -9.15 -7.51
CA TYR A 105 -1.59 -9.44 -6.88
C TYR A 105 -2.75 -9.11 -7.82
N ALA A 106 -2.65 -7.97 -8.50
CA ALA A 106 -3.71 -7.56 -9.41
C ALA A 106 -3.93 -8.62 -10.49
N LYS A 107 -2.83 -9.19 -10.96
CA LYS A 107 -2.90 -10.20 -12.03
C LYS A 107 -3.57 -11.49 -11.56
N SER A 108 -3.75 -11.64 -10.25
CA SER A 108 -4.43 -12.82 -9.71
C SER A 108 -5.93 -12.58 -9.53
N ILE A 109 -6.38 -11.35 -9.72
CA ILE A 109 -7.81 -11.06 -9.59
C ILE A 109 -8.51 -11.55 -10.85
N PRO A 110 -9.52 -12.44 -10.69
CA PRO A 110 -10.17 -13.03 -11.86
C PRO A 110 -10.68 -11.99 -12.83
N GLY A 111 -10.31 -12.14 -14.09
CA GLY A 111 -10.73 -11.20 -15.11
C GLY A 111 -9.72 -10.13 -15.44
N PHE A 112 -8.82 -9.84 -14.51
CA PHE A 112 -7.91 -8.70 -14.67
C PHE A 112 -6.98 -8.85 -15.87
N VAL A 113 -6.32 -10.00 -16.01
CA VAL A 113 -5.35 -10.15 -17.10
C VAL A 113 -6.02 -10.20 -18.47
N ASN A 114 -7.34 -10.41 -18.49
CA ASN A 114 -8.09 -10.41 -19.75
C ASN A 114 -8.56 -9.03 -20.17
N LEU A 115 -8.43 -8.04 -19.28
CA LEU A 115 -8.75 -6.66 -19.63
C LEU A 115 -7.81 -6.14 -20.72
N ASP A 116 -8.28 -5.17 -21.48
CA ASP A 116 -7.41 -4.39 -22.36
C ASP A 116 -6.14 -4.02 -21.58
N LEU A 117 -4.98 -4.25 -22.20
CA LEU A 117 -3.70 -4.11 -21.49
C LEU A 117 -3.46 -2.67 -21.04
N ASN A 118 -3.86 -1.72 -21.87
CA ASN A 118 -3.70 -0.33 -21.51
C ASN A 118 -4.59 0.04 -20.33
N ASP A 119 -5.75 -0.60 -20.24
CA ASP A 119 -6.62 -0.43 -19.07
C ASP A 119 -6.00 -1.06 -17.82
N GLN A 120 -5.34 -2.19 -17.97
CA GLN A 120 -4.61 -2.76 -16.85
C GLN A 120 -3.57 -1.75 -16.34
N VAL A 121 -2.85 -1.13 -17.27
CA VAL A 121 -1.84 -0.15 -16.89
C VAL A 121 -2.48 1.02 -16.15
N THR A 122 -3.60 1.48 -16.68
CA THR A 122 -4.32 2.59 -16.07
C THR A 122 -4.77 2.25 -14.64
N LEU A 123 -5.32 1.06 -14.46
CA LEU A 123 -5.79 0.66 -13.15
C LEU A 123 -4.64 0.64 -12.13
N LEU A 124 -3.50 0.14 -12.55
CA LEU A 124 -2.34 0.10 -11.66
C LEU A 124 -1.83 1.50 -11.39
N LYS A 125 -1.71 2.31 -12.44
CA LYS A 125 -1.16 3.66 -12.32
C LYS A 125 -1.88 4.47 -11.24
N TYR A 126 -3.21 4.43 -11.26
CA TYR A 126 -3.99 5.21 -10.31
C TYR A 126 -4.29 4.43 -9.02
N GLY A 127 -4.07 3.12 -9.07
CA GLY A 127 -4.41 2.30 -7.93
C GLY A 127 -3.29 2.08 -6.92
N VAL A 128 -2.04 2.02 -7.39
CA VAL A 128 -0.98 1.49 -6.54
C VAL A 128 -0.74 2.28 -5.26
N HIS A 129 -0.70 3.59 -5.34
CA HIS A 129 -0.44 4.36 -4.13
C HIS A 129 -1.55 4.20 -3.10
N GLU A 130 -2.79 4.10 -3.55
CA GLU A 130 -3.89 3.89 -2.63
C GLU A 130 -3.72 2.55 -1.92
N ILE A 131 -3.24 1.55 -2.65
CA ILE A 131 -2.98 0.25 -2.05
C ILE A 131 -1.75 0.30 -1.15
N ILE A 132 -0.71 1.02 -1.57
CA ILE A 132 0.48 1.15 -0.74
C ILE A 132 0.12 1.68 0.65
N TYR A 133 -0.71 2.71 0.71
CA TYR A 133 -1.03 3.33 1.98
C TYR A 133 -2.03 2.52 2.80
N THR A 134 -2.89 1.77 2.12
CA THR A 134 -3.75 0.82 2.81
C THR A 134 -2.89 -0.22 3.53
N MET A 135 -1.89 -0.74 2.83
CA MET A 135 -1.09 -1.83 3.36
C MET A 135 -0.04 -1.31 4.34
N LEU A 136 0.37 -0.06 4.14
CA LEU A 136 1.31 0.56 5.05
C LEU A 136 0.69 0.66 6.45
N ALA A 137 -0.61 0.92 6.49
CA ALA A 137 -1.33 0.98 7.77
C ALA A 137 -1.10 -0.29 8.59
N SER A 138 -1.11 -1.45 7.92
CA SER A 138 -0.91 -2.73 8.59
C SER A 138 0.42 -2.78 9.35
N LEU A 139 1.38 -1.99 8.89
CA LEU A 139 2.71 -1.98 9.48
C LEU A 139 2.89 -0.86 10.50
N MET A 140 1.84 -0.05 10.67
CA MET A 140 1.91 1.12 11.55
C MET A 140 1.12 0.95 12.84
N ASN A 141 1.65 1.50 13.93
CA ASN A 141 0.81 1.93 15.05
C ASN A 141 1.00 3.41 15.30
N LYS A 142 0.48 3.89 16.42
CA LYS A 142 0.56 5.31 16.74
C LYS A 142 1.99 5.76 17.00
N ASP A 143 2.89 4.79 17.22
CA ASP A 143 4.25 5.10 17.65
C ASP A 143 5.29 5.02 16.53
N GLY A 144 4.97 4.34 15.44
CA GLY A 144 5.93 4.19 14.37
C GLY A 144 5.56 3.17 13.32
N VAL A 145 6.48 2.87 12.42
CA VAL A 145 6.20 1.99 11.29
C VAL A 145 7.30 0.96 11.10
N LEU A 146 6.90 -0.26 10.76
CA LEU A 146 7.85 -1.33 10.46
C LEU A 146 8.44 -1.14 9.07
N ILE A 147 9.74 -1.36 8.94
CA ILE A 147 10.40 -1.26 7.65
C ILE A 147 11.19 -2.52 7.32
N SER A 148 11.50 -2.70 6.04
CA SER A 148 12.25 -3.86 5.56
C SER A 148 11.74 -5.18 6.12
N GLU A 149 10.46 -5.46 5.88
CA GLU A 149 9.85 -6.72 6.28
C GLU A 149 9.96 -6.98 7.78
N GLY A 150 10.04 -5.90 8.57
CA GLY A 150 10.03 -6.06 10.01
C GLY A 150 11.41 -6.07 10.65
N GLN A 151 12.46 -5.92 9.85
CA GLN A 151 13.81 -5.86 10.38
C GLN A 151 14.02 -4.58 11.18
N GLY A 152 13.26 -3.56 10.85
CA GLY A 152 13.43 -2.28 11.51
C GLY A 152 12.10 -1.66 11.93
N PHE A 153 12.17 -0.79 12.93
CA PHE A 153 11.01 0.01 13.33
C PHE A 153 11.45 1.46 13.46
N MET A 154 10.83 2.33 12.66
CA MET A 154 11.13 3.75 12.74
C MET A 154 10.03 4.46 13.51
N THR A 155 10.40 5.25 14.52
CA THR A 155 9.40 5.93 15.33
C THR A 155 8.73 7.04 14.55
N ARG A 156 7.45 7.24 14.82
CA ARG A 156 6.68 8.29 14.18
C ARG A 156 7.27 9.66 14.52
N GLU A 157 7.83 9.76 15.73
CA GLU A 157 8.38 11.02 16.20
C GLU A 157 9.63 11.40 15.42
N PHE A 158 10.48 10.43 15.14
CA PHE A 158 11.72 10.70 14.40
C PHE A 158 11.44 11.15 12.97
N LEU A 159 10.49 10.48 12.31
CA LEU A 159 10.09 10.85 10.96
C LEU A 159 9.52 12.26 10.94
N LYS A 160 8.85 12.63 12.02
CA LYS A 160 8.23 13.94 12.14
C LYS A 160 9.28 15.01 12.36
N SER A 161 10.40 14.63 12.98
CA SER A 161 11.43 15.59 13.35
C SER A 161 12.33 16.01 12.19
N LEU A 162 12.13 15.38 11.03
CA LEU A 162 12.96 15.67 9.87
C LEU A 162 12.71 17.09 9.37
N ARG A 163 13.77 17.72 8.85
CA ARG A 163 13.64 19.08 8.35
C ARG A 163 12.56 19.15 7.28
N LYS A 164 12.00 20.35 7.08
CA LYS A 164 10.96 20.53 6.09
C LYS A 164 11.55 20.40 4.70
N PRO A 165 10.72 20.03 3.70
CA PRO A 165 9.31 19.66 3.88
C PRO A 165 9.13 18.25 4.44
N PHE A 166 10.24 17.57 4.71
CA PHE A 166 10.24 16.13 4.91
C PHE A 166 9.61 15.66 6.22
N GLY A 167 9.57 16.52 7.22
CA GLY A 167 9.05 16.12 8.52
C GLY A 167 7.56 15.85 8.48
N ASP A 168 6.92 16.29 7.40
CA ASP A 168 5.48 16.15 7.25
C ASP A 168 5.16 15.11 6.17
N PHE A 169 6.19 14.49 5.63
CA PHE A 169 6.03 13.54 4.54
C PHE A 169 5.06 12.40 4.90
N MET A 170 5.15 11.92 6.14
CA MET A 170 4.44 10.71 6.49
C MET A 170 3.31 10.84 7.51
N GLU A 171 3.20 12.00 8.15
CA GLU A 171 2.15 12.23 9.14
C GLU A 171 0.74 11.99 8.61
N PRO A 172 0.44 12.45 7.38
CA PRO A 172 -0.90 12.19 6.85
C PRO A 172 -1.21 10.71 6.82
N LYS A 173 -0.18 9.91 6.59
CA LYS A 173 -0.34 8.45 6.48
C LYS A 173 -0.51 7.80 7.84
N PHE A 174 0.25 8.24 8.84
CA PHE A 174 0.06 7.75 10.20
C PHE A 174 -1.35 8.09 10.67
N GLU A 175 -1.83 9.28 10.30
CA GLU A 175 -3.14 9.72 10.74
C GLU A 175 -4.23 8.87 10.11
N PHE A 176 -4.07 8.56 8.83
CA PHE A 176 -4.98 7.65 8.15
C PHE A 176 -4.92 6.26 8.79
N ALA A 177 -3.71 5.78 9.04
CA ALA A 177 -3.54 4.42 9.56
C ALA A 177 -4.17 4.24 10.94
N VAL A 178 -4.01 5.24 11.81
CA VAL A 178 -4.55 5.12 13.15
C VAL A 178 -6.07 4.95 13.11
N LYS A 179 -6.73 5.71 12.25
CA LYS A 179 -8.18 5.60 12.11
C LYS A 179 -8.58 4.32 11.40
N PHE A 180 -7.80 3.93 10.39
CA PHE A 180 -8.13 2.75 9.59
C PHE A 180 -7.97 1.49 10.42
N ASN A 181 -6.91 1.44 11.21
CA ASN A 181 -6.62 0.27 12.03
C ASN A 181 -7.66 0.11 13.14
N ALA A 182 -8.32 1.20 13.51
CA ALA A 182 -9.37 1.13 14.53
C ALA A 182 -10.56 0.30 14.02
N LEU A 183 -10.62 0.09 12.71
CA LEU A 183 -11.65 -0.77 12.11
C LEU A 183 -11.34 -2.25 12.31
N GLU A 184 -10.08 -2.56 12.60
CA GLU A 184 -9.66 -3.91 12.95
C GLU A 184 -9.90 -4.94 11.85
N LEU A 185 -9.64 -4.57 10.60
CA LEU A 185 -9.72 -5.51 9.50
C LEU A 185 -8.60 -6.54 9.64
N ASP A 186 -8.80 -7.73 9.10
CA ASP A 186 -7.71 -8.69 9.02
C ASP A 186 -7.27 -8.90 7.58
N ASP A 187 -6.30 -9.79 7.37
CA ASP A 187 -5.75 -9.97 6.04
C ASP A 187 -6.81 -10.47 5.05
N SER A 188 -7.77 -11.24 5.53
CA SER A 188 -8.83 -11.74 4.68
C SER A 188 -9.74 -10.61 4.23
N ASP A 189 -10.06 -9.70 5.14
CA ASP A 189 -10.82 -8.49 4.76
C ASP A 189 -10.02 -7.69 3.73
N LEU A 190 -8.75 -7.46 4.03
CA LEU A 190 -7.93 -6.55 3.24
C LEU A 190 -7.72 -7.02 1.82
N ALA A 191 -7.57 -8.33 1.63
CA ALA A 191 -7.37 -8.86 0.29
C ALA A 191 -8.51 -8.42 -0.64
N ILE A 192 -9.74 -8.47 -0.16
CA ILE A 192 -10.90 -8.12 -1.00
C ILE A 192 -11.00 -6.59 -1.15
N PHE A 193 -10.76 -5.89 -0.05
CA PHE A 193 -10.75 -4.42 -0.06
C PHE A 193 -9.78 -3.88 -1.12
N ILE A 194 -8.58 -4.43 -1.14
CA ILE A 194 -7.57 -4.03 -2.12
C ILE A 194 -8.05 -4.32 -3.53
N ALA A 195 -8.62 -5.50 -3.73
CA ALA A 195 -9.08 -5.90 -5.05
C ALA A 195 -10.14 -4.92 -5.57
N VAL A 196 -11.09 -4.56 -4.71
CA VAL A 196 -12.13 -3.61 -5.09
C VAL A 196 -11.52 -2.29 -5.56
N ILE A 197 -10.55 -1.79 -4.82
CA ILE A 197 -9.90 -0.51 -5.14
C ILE A 197 -9.21 -0.57 -6.51
N ILE A 198 -8.52 -1.67 -6.76
CA ILE A 198 -7.77 -1.80 -8.01
C ILE A 198 -8.74 -1.80 -9.20
N LEU A 199 -9.88 -2.45 -9.03
CA LEU A 199 -10.86 -2.57 -10.11
C LEU A 199 -11.84 -1.40 -10.09
N SER A 200 -11.30 -0.19 -10.07
CA SER A 200 -12.12 1.02 -10.06
C SER A 200 -12.42 1.49 -11.48
N GLY A 201 -13.70 1.50 -11.84
CA GLY A 201 -14.08 1.81 -13.20
C GLY A 201 -14.03 3.28 -13.56
N ASP A 202 -13.68 4.13 -12.60
CA ASP A 202 -13.68 5.57 -12.82
C ASP A 202 -12.29 6.21 -12.89
N ARG A 203 -11.26 5.38 -13.05
CA ARG A 203 -9.91 5.90 -13.21
C ARG A 203 -9.85 6.65 -14.54
N PRO A 204 -9.10 7.76 -14.58
CA PRO A 204 -9.00 8.59 -15.78
C PRO A 204 -8.43 7.81 -16.96
N GLY A 205 -9.12 7.87 -18.09
CA GLY A 205 -8.53 7.37 -19.32
C GLY A 205 -8.77 5.90 -19.60
N LEU A 206 -9.60 5.25 -18.80
CA LEU A 206 -10.00 3.87 -19.07
C LEU A 206 -10.77 3.82 -20.38
N LEU A 207 -10.52 2.78 -21.17
CA LEU A 207 -11.11 2.65 -22.49
C LEU A 207 -12.40 1.82 -22.48
N ASN A 208 -12.38 0.74 -21.71
CA ASN A 208 -13.51 -0.18 -21.65
C ASN A 208 -14.01 -0.33 -20.21
N VAL A 209 -14.97 0.50 -19.85
CA VAL A 209 -15.35 0.64 -18.44
C VAL A 209 -16.21 -0.51 -17.92
N LYS A 210 -17.13 -0.98 -18.74
CA LYS A 210 -18.12 -1.94 -18.27
C LYS A 210 -17.51 -3.22 -17.69
N PRO A 211 -16.53 -3.82 -18.39
CA PRO A 211 -15.95 -5.06 -17.86
C PRO A 211 -15.26 -4.88 -16.51
N ILE A 212 -14.71 -3.70 -16.28
CA ILE A 212 -14.13 -3.38 -14.98
C ILE A 212 -15.21 -3.19 -13.93
N GLU A 213 -16.27 -2.49 -14.28
CA GLU A 213 -17.40 -2.30 -13.36
C GLU A 213 -18.03 -3.64 -12.96
N ASP A 214 -18.15 -4.55 -13.93
CA ASP A 214 -18.76 -5.86 -13.67
C ASP A 214 -17.90 -6.67 -12.70
N ILE A 215 -16.58 -6.63 -12.88
CA ILE A 215 -15.67 -7.32 -11.97
C ILE A 215 -15.75 -6.70 -10.60
N GLN A 216 -15.73 -5.37 -10.53
CA GLN A 216 -15.75 -4.71 -9.22
C GLN A 216 -17.08 -4.97 -8.50
N ASP A 217 -18.16 -5.01 -9.26
CA ASP A 217 -19.47 -5.27 -8.65
C ASP A 217 -19.47 -6.61 -7.94
N ASN A 218 -18.85 -7.62 -8.56
CA ASN A 218 -18.78 -8.93 -7.93
C ASN A 218 -17.83 -8.93 -6.73
N LEU A 219 -16.72 -8.20 -6.84
CA LEU A 219 -15.80 -8.05 -5.72
C LEU A 219 -16.46 -7.32 -4.55
N LEU A 220 -17.27 -6.31 -4.85
CA LEU A 220 -17.99 -5.60 -3.80
C LEU A 220 -19.00 -6.51 -3.10
N GLN A 221 -19.65 -7.39 -3.85
CA GLN A 221 -20.54 -8.37 -3.24
C GLN A 221 -19.74 -9.31 -2.34
N ALA A 222 -18.55 -9.68 -2.78
CA ALA A 222 -17.70 -10.56 -1.99
C ALA A 222 -17.28 -9.86 -0.70
N LEU A 223 -16.96 -8.58 -0.79
CA LEU A 223 -16.55 -7.82 0.38
C LEU A 223 -17.69 -7.68 1.37
N GLU A 224 -18.87 -7.34 0.88
CA GLU A 224 -20.00 -7.16 1.76
C GLU A 224 -20.26 -8.43 2.57
N LEU A 225 -20.23 -9.58 1.90
CA LEU A 225 -20.48 -10.85 2.58
C LEU A 225 -19.35 -11.20 3.55
N GLN A 226 -18.11 -10.90 3.15
CA GLN A 226 -16.95 -11.09 4.03
C GLN A 226 -17.13 -10.32 5.33
N LEU A 227 -17.47 -9.04 5.23
CA LEU A 227 -17.64 -8.22 6.42
C LEU A 227 -18.84 -8.64 7.28
N LYS A 228 -19.91 -9.13 6.64
CA LYS A 228 -21.09 -9.60 7.39
C LYS A 228 -20.78 -10.84 8.20
N LEU A 229 -19.95 -11.73 7.64
CA LEU A 229 -19.58 -12.96 8.33
C LEU A 229 -18.44 -12.75 9.33
N ASN A 230 -17.46 -11.94 8.95
CA ASN A 230 -16.23 -11.80 9.73
C ASN A 230 -16.37 -10.73 10.81
N HIS A 231 -17.31 -9.80 10.61
CA HIS A 231 -17.54 -8.73 11.59
C HIS A 231 -19.03 -8.57 11.85
N PRO A 232 -19.67 -9.63 12.36
CA PRO A 232 -21.13 -9.69 12.51
C PRO A 232 -21.70 -8.52 13.32
N GLU A 233 -20.92 -8.03 14.28
CA GLU A 233 -21.43 -7.03 15.22
C GLU A 233 -21.24 -5.60 14.72
N SER A 234 -20.63 -5.43 13.56
CA SER A 234 -20.33 -4.10 13.03
C SER A 234 -20.96 -3.87 11.66
N SER A 235 -22.26 -3.61 11.67
CA SER A 235 -23.04 -3.45 10.44
C SER A 235 -22.52 -2.31 9.56
N GLN A 236 -21.87 -1.33 10.20
CA GLN A 236 -21.46 -0.11 9.52
C GLN A 236 -20.16 -0.25 8.75
N LEU A 237 -19.50 -1.39 8.91
CA LEU A 237 -18.15 -1.53 8.39
C LEU A 237 -18.07 -1.39 6.88
N PHE A 238 -19.00 -2.01 6.15
CA PHE A 238 -18.95 -1.94 4.70
C PHE A 238 -19.05 -0.49 4.22
N ALA A 239 -20.03 0.24 4.74
CA ALA A 239 -20.21 1.63 4.33
C ALA A 239 -18.99 2.48 4.70
N LYS A 240 -18.37 2.20 5.83
CA LYS A 240 -17.17 2.93 6.24
C LYS A 240 -16.01 2.64 5.29
N LEU A 241 -15.85 1.38 4.90
CA LEU A 241 -14.76 1.04 3.99
C LEU A 241 -14.92 1.70 2.63
N LEU A 242 -16.16 1.85 2.17
CA LEU A 242 -16.40 2.55 0.91
C LEU A 242 -15.93 4.01 1.00
N GLN A 243 -16.12 4.61 2.19
CA GLN A 243 -15.65 5.98 2.42
C GLN A 243 -14.13 6.04 2.54
N LYS A 244 -13.52 4.99 3.09
CA LYS A 244 -12.06 4.97 3.20
C LYS A 244 -11.43 4.92 1.81
N MET A 245 -12.13 4.30 0.87
CA MET A 245 -11.65 4.26 -0.52
C MET A 245 -11.60 5.68 -1.08
N THR A 246 -12.65 6.46 -0.80
CA THR A 246 -12.66 7.86 -1.22
C THR A 246 -11.59 8.65 -0.48
N ASP A 247 -11.43 8.36 0.82
CA ASP A 247 -10.44 9.04 1.63
C ASP A 247 -9.03 8.80 1.08
N LEU A 248 -8.78 7.59 0.62
CA LEU A 248 -7.45 7.22 0.16
C LEU A 248 -7.04 8.06 -1.05
N ARG A 249 -8.02 8.43 -1.88
CA ARG A 249 -7.73 9.28 -3.02
C ARG A 249 -7.24 10.65 -2.57
N GLN A 250 -7.78 11.12 -1.45
CA GLN A 250 -7.36 12.42 -0.91
C GLN A 250 -5.95 12.32 -0.33
N ILE A 251 -5.67 11.23 0.38
CA ILE A 251 -4.32 10.99 0.88
C ILE A 251 -3.31 10.99 -0.27
N VAL A 252 -3.65 10.33 -1.37
CA VAL A 252 -2.73 10.28 -2.50
C VAL A 252 -2.57 11.66 -3.14
N THR A 253 -3.68 12.40 -3.20
CA THR A 253 -3.65 13.78 -3.70
C THR A 253 -2.69 14.65 -2.89
N GLU A 254 -2.83 14.60 -1.57
CA GLU A 254 -1.96 15.39 -0.70
C GLU A 254 -0.51 14.98 -0.92
N HIS A 255 -0.29 13.69 -1.05
CA HIS A 255 1.06 13.15 -1.23
C HIS A 255 1.71 13.69 -2.49
N VAL A 256 0.96 13.67 -3.59
CA VAL A 256 1.46 14.14 -4.86
C VAL A 256 1.82 15.61 -4.80
N GLN A 257 1.07 16.37 -4.00
CA GLN A 257 1.29 17.80 -3.87
C GLN A 257 2.54 18.11 -3.06
N LEU A 258 2.74 17.36 -1.97
CA LEU A 258 3.94 17.51 -1.17
C LEU A 258 5.14 17.03 -1.97
N LEU A 259 4.85 16.17 -2.94
CA LEU A 259 5.89 15.61 -3.81
C LEU A 259 6.44 16.71 -4.73
N GLN A 260 5.55 17.56 -5.23
CA GLN A 260 5.96 18.63 -6.11
C GLN A 260 6.75 19.68 -5.33
N VAL A 261 6.32 19.93 -4.09
CA VAL A 261 7.06 20.81 -3.19
C VAL A 261 8.50 20.32 -3.04
N ILE A 262 8.65 19.02 -2.82
CA ILE A 262 9.97 18.43 -2.59
C ILE A 262 10.83 18.47 -3.84
N LYS A 263 10.25 18.13 -5.00
CA LYS A 263 10.98 18.13 -6.25
C LYS A 263 11.56 19.51 -6.55
N LYS A 264 11.01 20.54 -5.91
CA LYS A 264 11.44 21.91 -6.16
C LYS A 264 12.21 22.47 -4.97
N THR A 265 11.56 22.53 -3.81
CA THR A 265 12.13 23.13 -2.61
C THR A 265 13.50 22.51 -2.29
N GLU A 266 13.82 21.41 -2.96
CA GLU A 266 15.14 20.79 -2.83
C GLU A 266 15.87 20.84 -4.16
N THR A 267 17.20 20.90 -4.12
CA THR A 267 17.99 20.76 -5.32
C THR A 267 17.79 19.35 -5.87
N ASP A 268 17.46 19.27 -7.16
CA ASP A 268 16.94 18.04 -7.75
C ASP A 268 17.68 16.78 -7.33
N MET A 269 16.91 15.80 -6.86
CA MET A 269 17.42 14.48 -6.54
C MET A 269 16.87 13.49 -7.57
N SER A 270 17.29 12.23 -7.48
CA SER A 270 16.88 11.23 -8.45
C SER A 270 15.55 10.59 -8.06
N LEU A 271 14.60 10.61 -8.98
CA LEU A 271 13.34 9.90 -8.80
C LEU A 271 13.30 8.63 -9.64
N HIS A 272 12.93 7.52 -9.02
CA HIS A 272 12.93 6.24 -9.71
C HIS A 272 12.01 6.27 -10.92
N PRO A 273 12.47 5.74 -12.06
CA PRO A 273 11.69 5.80 -13.31
C PRO A 273 10.31 5.17 -13.24
N LEU A 274 10.17 4.11 -12.45
CA LEU A 274 8.86 3.49 -12.27
C LEU A 274 7.90 4.48 -11.60
N LEU A 275 8.42 5.23 -10.63
CA LEU A 275 7.60 6.22 -9.94
C LEU A 275 7.33 7.44 -10.83
N GLN A 276 8.32 7.82 -11.63
CA GLN A 276 8.15 8.91 -12.58
C GLN A 276 6.98 8.60 -13.51
N GLU A 277 6.93 7.35 -13.98
CA GLU A 277 5.90 6.93 -14.91
C GLU A 277 4.52 6.99 -14.25
N ILE A 278 4.42 6.54 -13.01
CA ILE A 278 3.17 6.56 -12.27
C ILE A 278 2.72 7.99 -11.98
N TYR A 279 3.66 8.83 -11.55
CA TYR A 279 3.35 10.18 -11.10
C TYR A 279 2.94 11.10 -12.26
N LYS A 280 3.40 10.77 -13.46
CA LYS A 280 3.03 11.54 -14.64
C LYS A 280 1.52 11.50 -14.84
N ASP A 281 0.87 12.65 -14.64
CA ASP A 281 -0.59 12.76 -14.76
C ASP A 281 -1.32 12.15 -13.57
N LEU A 282 -0.62 12.02 -12.44
CA LEU A 282 -1.23 11.52 -11.22
C LEU A 282 -1.61 12.65 -10.26
N TYR A 283 -2.81 12.56 -9.70
CA TYR A 283 -3.22 13.47 -8.63
C TYR A 283 -3.85 12.70 -7.47
N SER B 7 5.65 0.95 -21.77
CA SER B 7 5.88 1.48 -20.40
C SER B 7 6.44 0.41 -19.48
N LEU B 8 7.01 0.83 -18.36
CA LEU B 8 7.52 -0.10 -17.37
C LEU B 8 6.38 -0.91 -16.73
N LEU B 9 5.26 -0.24 -16.45
CA LEU B 9 4.10 -0.93 -15.88
C LEU B 9 3.59 -2.02 -16.81
N LYS B 10 3.56 -1.72 -18.11
CA LYS B 10 3.13 -2.70 -19.10
C LYS B 10 4.05 -3.93 -19.07
N LYS B 11 5.36 -3.69 -18.98
CA LYS B 11 6.31 -4.79 -18.94
C LYS B 11 6.10 -5.69 -17.72
N LEU B 12 5.84 -5.06 -16.57
CA LEU B 12 5.58 -5.82 -15.35
C LEU B 12 4.31 -6.64 -15.49
N LEU B 13 3.33 -6.09 -16.19
CA LEU B 13 2.05 -6.77 -16.40
C LEU B 13 2.17 -7.97 -17.33
N LEU B 14 3.09 -7.89 -18.29
CA LEU B 14 3.21 -8.92 -19.32
C LEU B 14 4.07 -10.10 -18.89
N ALA B 15 4.87 -9.91 -17.84
CA ALA B 15 5.79 -10.95 -17.39
C ALA B 15 5.05 -12.05 -16.62
N PRO B 16 5.12 -13.29 -17.13
CA PRO B 16 4.56 -14.46 -16.43
C PRO B 16 5.28 -14.75 -15.11
O1 B1O C . 14.93 4.81 5.00
C2 B1O C . 13.79 4.05 4.78
C3 B1O C . 12.57 4.47 5.30
C4 B1O C . 12.67 2.11 3.80
C5 B1O C . 13.84 2.86 4.03
C6 B1O C . 11.48 2.55 4.33
C7 B1O C . 11.43 3.76 5.09
N8 B1O C . 10.10 3.93 5.48
C9 B1O C . 9.44 2.89 4.97
N10 B1O C . 10.19 2.04 4.28
C11 B1O C . 7.94 2.69 5.16
O12 B1O C . 7.27 3.93 5.04
C13 B1O C . 9.63 5.07 6.28
C14 B1O C . 6.87 4.16 3.73
C15 B1O C . 7.00 3.19 2.73
C16 B1O C . 6.59 3.45 1.44
C17 B1O C . 6.04 4.69 1.11
C18 B1O C . 5.91 5.66 2.10
C19 B1O C . 6.32 5.40 3.40
C20 B1O C . 5.34 6.97 1.77
O21 B1O C . 5.16 7.20 0.45
O22 B1O C . 5.03 7.74 2.62
C23 B1O C . 15.87 4.13 5.78
C24 B1O C . 15.49 3.40 6.89
C25 B1O C . 16.46 2.76 7.62
C26 B1O C . 17.21 4.19 5.43
N27 B1O C . 18.16 3.55 6.14
C28 B1O C . 17.78 2.85 7.21
C29 B1O C . 18.85 2.16 8.00
F30 B1O C . 12.58 5.61 6.00
C31 B1O C . 17.64 4.98 4.23
#